data_8S6L
#
_entry.id   8S6L
#
_cell.length_a   56.460
_cell.length_b   67.590
_cell.length_c   116.680
_cell.angle_alpha   90.00
_cell.angle_beta   90.00
_cell.angle_gamma   90.00
#
_symmetry.space_group_name_H-M   'P 21 21 21'
#
loop_
_entity.id
_entity.type
_entity.pdbx_description
1 polymer 'Phthiocerol/phthiodiolone dimycocerosyl transferase'
2 non-polymer GLYCEROL
3 water water
#
_entity_poly.entity_id   1
_entity_poly.type   'polypeptide(L)'
_entity_poly.pdbx_seq_one_letter_code
;MGSSHHHHHHSSGLVPRGSHMAEIRRPLSAVERWYWLSDQFSALNVISRVRVHGRLSIDDLRRGLDALQARHPLLRARIE
HDAGLDPRWVPCERPIPLREVRGGGEEQWLREINERELPERIDPDSGPLIRTVAIATDAGAHDLLVVVPHIIADGTTVLT
LAEQWLTLAADPAAQPWTASALPPAEDLRPRRFTGDEGAARLAEQTAQDEALVGRHRPGRIEPSNPVPLEARRTRLLHRE
LDGAQLEQLQRRAREHGTTVHGALTAALAIAAGHDHQRRPSHIAIGSPIDFRDELEPPVRPDEVGTYVATVPVVLDIARP
FWEVARALTDDLGERRRQGHHFNLVTLVASAAPRCMADARPFMAFMEAEGPINLCSSNIGRYPFPERIGALRLSDAQFLT
GISVNGYFVAAINSSHGRLFWNFTYIDEAVPGERAERLAEDCLGTLLSAIHAPQRSALEEQ
;
_entity_poly.pdbx_strand_id   A
#
loop_
_chem_comp.id
_chem_comp.type
_chem_comp.name
_chem_comp.formula
GOL non-polymer GLYCEROL 'C3 H8 O3'
#
# COMPACT_ATOMS: atom_id res chain seq x y z
N ALA A 22 -3.77 25.72 -8.95
CA ALA A 22 -4.64 24.67 -8.36
C ALA A 22 -4.26 24.50 -6.90
N GLU A 23 -5.24 24.54 -5.99
N GLU A 23 -5.29 24.44 -6.03
CA GLU A 23 -4.98 24.24 -4.59
CA GLU A 23 -5.15 24.36 -4.59
C GLU A 23 -6.11 23.42 -3.96
C GLU A 23 -6.14 23.36 -4.00
N ILE A 24 -5.74 22.67 -2.92
CA ILE A 24 -6.67 21.85 -2.15
C ILE A 24 -7.22 22.70 -1.03
N ARG A 25 -8.52 22.98 -1.11
CA ARG A 25 -9.23 23.73 -0.06
C ARG A 25 -10.64 23.15 0.02
N ARG A 26 -10.89 22.34 1.04
CA ARG A 26 -12.16 21.63 1.14
C ARG A 26 -12.12 20.81 2.41
N PRO A 27 -13.28 20.41 2.96
CA PRO A 27 -13.27 19.44 4.05
C PRO A 27 -12.59 18.13 3.65
N LEU A 28 -12.01 17.44 4.64
CA LEU A 28 -11.60 16.07 4.37
C LEU A 28 -12.85 15.27 4.00
N SER A 29 -12.71 14.34 3.03
CA SER A 29 -13.75 13.36 2.77
C SER A 29 -13.83 12.40 3.95
N ALA A 30 -14.93 11.64 4.01
CA ALA A 30 -15.08 10.64 5.07
C ALA A 30 -13.96 9.59 5.02
N VAL A 31 -13.57 9.12 3.82
CA VAL A 31 -12.50 8.13 3.72
C VAL A 31 -11.19 8.78 4.15
N GLU A 32 -10.92 10.01 3.69
CA GLU A 32 -9.73 10.72 4.16
C GLU A 32 -9.71 10.84 5.69
N ARG A 33 -10.88 11.12 6.30
CA ARG A 33 -10.94 11.27 7.74
C ARG A 33 -10.62 9.95 8.46
N TRP A 34 -11.03 8.81 7.89
CA TRP A 34 -10.66 7.49 8.38
C TRP A 34 -9.15 7.32 8.42
N TYR A 35 -8.45 7.67 7.34
CA TYR A 35 -7.00 7.55 7.32
C TYR A 35 -6.34 8.53 8.31
N TRP A 36 -6.90 9.74 8.41
CA TRP A 36 -6.42 10.76 9.33
C TRP A 36 -6.49 10.26 10.77
N LEU A 37 -7.61 9.63 11.13
CA LEU A 37 -7.78 9.08 12.47
C LEU A 37 -6.86 7.88 12.70
N SER A 38 -6.81 6.91 11.77
CA SER A 38 -5.95 5.75 11.94
C SER A 38 -4.52 6.20 12.25
N ASP A 39 -4.00 7.12 11.44
CA ASP A 39 -2.64 7.62 11.55
C ASP A 39 -2.37 8.28 12.90
N GLN A 40 -3.38 8.88 13.52
CA GLN A 40 -3.20 9.48 14.85
C GLN A 40 -3.00 8.42 15.92
N PHE A 41 -3.63 7.24 15.78
CA PHE A 41 -3.37 6.17 16.74
C PHE A 41 -1.95 5.60 16.54
N SER A 42 -1.58 5.39 15.25
CA SER A 42 -0.36 4.70 14.88
C SER A 42 -0.01 5.10 13.45
N ALA A 43 1.24 5.54 13.21
CA ALA A 43 1.63 6.13 11.92
C ALA A 43 1.25 5.23 10.76
N LEU A 44 0.67 5.85 9.73
CA LEU A 44 0.21 5.10 8.54
C LEU A 44 0.91 5.67 7.29
N ASN A 45 2.18 5.34 7.13
CA ASN A 45 2.97 5.85 6.04
C ASN A 45 3.14 4.80 4.95
N VAL A 46 3.07 5.27 3.71
CA VAL A 46 3.37 4.47 2.53
C VAL A 46 4.73 4.95 2.00
N ILE A 47 5.57 3.98 1.63
CA ILE A 47 6.97 4.30 1.32
C ILE A 47 7.39 3.66 0.01
N SER A 48 8.04 4.47 -0.83
CA SER A 48 8.76 3.90 -1.98
C SER A 48 10.26 3.99 -1.75
N ARG A 49 11.00 3.06 -2.39
CA ARG A 49 12.45 3.09 -2.41
C ARG A 49 12.91 2.85 -3.85
N VAL A 50 13.99 3.53 -4.22
CA VAL A 50 14.64 3.25 -5.49
C VAL A 50 16.15 3.49 -5.31
N ARG A 51 16.96 2.69 -6.01
CA ARG A 51 18.40 2.91 -6.03
C ARG A 51 18.85 3.61 -7.31
N VAL A 52 19.73 4.58 -7.07
CA VAL A 52 20.24 5.46 -8.08
C VAL A 52 21.75 5.23 -8.31
N HIS A 53 22.10 4.96 -9.58
CA HIS A 53 23.47 4.73 -10.00
C HIS A 53 23.91 5.85 -10.95
N GLY A 54 24.99 6.47 -10.56
CA GLY A 54 25.57 7.57 -11.29
C GLY A 54 25.78 8.79 -10.39
N ARG A 55 26.36 9.83 -11.00
CA ARG A 55 26.60 11.07 -10.30
C ARG A 55 25.26 11.76 -10.02
N LEU A 56 24.96 11.99 -8.74
CA LEU A 56 23.73 12.60 -8.30
C LEU A 56 24.02 13.72 -7.31
N SER A 57 23.62 14.94 -7.67
CA SER A 57 23.74 16.14 -6.86
C SER A 57 22.52 16.28 -5.96
N ILE A 58 22.78 16.51 -4.66
CA ILE A 58 21.71 16.82 -3.73
C ILE A 58 20.99 18.11 -4.15
N ASP A 59 21.71 19.07 -4.74
CA ASP A 59 21.08 20.28 -5.24
C ASP A 59 20.05 19.99 -6.33
N ASP A 60 20.35 19.01 -7.20
CA ASP A 60 19.41 18.63 -8.23
C ASP A 60 18.21 17.92 -7.62
N LEU A 61 18.41 17.13 -6.56
CA LEU A 61 17.26 16.55 -5.88
C LEU A 61 16.36 17.62 -5.27
N ARG A 62 16.93 18.68 -4.73
CA ARG A 62 16.14 19.80 -4.16
C ARG A 62 15.36 20.50 -5.27
N ARG A 63 16.02 20.77 -6.41
CA ARG A 63 15.38 21.35 -7.57
C ARG A 63 14.19 20.49 -8.00
N GLY A 64 14.37 19.17 -7.96
CA GLY A 64 13.34 18.24 -8.32
C GLY A 64 12.16 18.28 -7.34
N LEU A 65 12.45 18.41 -6.04
CA LEU A 65 11.38 18.44 -5.03
C LEU A 65 10.56 19.73 -5.13
N ASP A 66 11.22 20.85 -5.45
CA ASP A 66 10.53 22.12 -5.62
C ASP A 66 9.50 22.01 -6.75
N ALA A 67 9.94 21.40 -7.86
CA ALA A 67 9.07 21.24 -9.01
C ALA A 67 7.98 20.23 -8.73
N LEU A 68 8.30 19.16 -7.99
CA LEU A 68 7.32 18.13 -7.67
C LEU A 68 6.20 18.73 -6.81
N GLN A 69 6.58 19.61 -5.89
CA GLN A 69 5.59 20.21 -4.99
C GLN A 69 4.69 21.20 -5.75
N ALA A 70 5.28 21.99 -6.68
CA ALA A 70 4.46 22.87 -7.47
C ALA A 70 3.46 22.09 -8.33
N ARG A 71 3.91 20.94 -8.87
CA ARG A 71 3.09 20.12 -9.73
C ARG A 71 1.82 19.61 -9.03
N HIS A 72 1.96 19.16 -7.78
CA HIS A 72 0.92 18.34 -7.15
C HIS A 72 0.28 19.07 -5.97
N PRO A 73 -0.96 19.56 -6.11
CA PRO A 73 -1.59 20.32 -5.03
C PRO A 73 -1.65 19.61 -3.68
N LEU A 74 -1.83 18.29 -3.68
CA LEU A 74 -1.87 17.60 -2.39
C LEU A 74 -0.53 17.57 -1.66
N LEU A 75 0.60 17.90 -2.33
CA LEU A 75 1.89 17.96 -1.68
C LEU A 75 2.20 19.36 -1.14
N ARG A 76 1.24 20.28 -1.26
CA ARG A 76 1.36 21.61 -0.65
C ARG A 76 0.05 21.98 0.02
N ALA A 77 -0.45 20.99 0.78
CA ALA A 77 -1.67 21.14 1.56
C ALA A 77 -1.38 20.69 2.98
N ARG A 78 -2.15 21.22 3.93
CA ARG A 78 -2.09 20.75 5.31
C ARG A 78 -3.52 20.73 5.84
N ILE A 79 -3.66 20.25 7.09
CA ILE A 79 -4.96 20.03 7.70
C ILE A 79 -5.17 21.01 8.85
N GLU A 80 -6.30 21.70 8.78
CA GLU A 80 -6.80 22.61 9.79
C GLU A 80 -7.97 21.89 10.44
N HIS A 81 -8.04 22.01 11.77
CA HIS A 81 -9.14 21.42 12.51
C HIS A 81 -9.47 22.26 13.74
N ASP A 82 -10.64 21.98 14.35
CA ASP A 82 -11.04 22.66 15.58
C ASP A 82 -10.99 21.69 16.75
N ALA A 83 -9.85 21.66 17.46
CA ALA A 83 -9.64 20.73 18.55
C ALA A 83 -10.02 19.31 18.12
N GLY A 84 -9.65 18.94 16.90
CA GLY A 84 -9.82 17.58 16.40
C GLY A 84 -11.15 17.38 15.65
N LEU A 85 -11.98 18.44 15.51
CA LEU A 85 -13.23 18.34 14.77
C LEU A 85 -13.13 19.04 13.41
N ASP A 86 -13.93 18.55 12.44
CA ASP A 86 -14.16 19.21 11.16
C ASP A 86 -12.83 19.48 10.45
N PRO A 87 -12.00 18.44 10.25
CA PRO A 87 -10.73 18.63 9.55
C PRO A 87 -10.96 19.07 8.12
N ARG A 88 -10.10 19.98 7.64
CA ARG A 88 -10.21 20.48 6.29
C ARG A 88 -8.83 20.77 5.74
N TRP A 89 -8.71 20.67 4.41
CA TRP A 89 -7.47 21.00 3.74
C TRP A 89 -7.34 22.51 3.50
N VAL A 90 -6.13 23.01 3.73
CA VAL A 90 -5.75 24.38 3.41
C VAL A 90 -4.35 24.37 2.79
N PRO A 91 -3.92 25.45 2.12
CA PRO A 91 -2.58 25.47 1.57
C PRO A 91 -1.51 25.40 2.65
N CYS A 92 -0.40 24.76 2.29
CA CYS A 92 0.81 24.62 3.09
C CYS A 92 1.94 25.33 2.35
N GLU A 93 2.66 26.20 3.06
CA GLU A 93 3.72 27.00 2.44
C GLU A 93 5.09 26.43 2.75
N ARG A 94 5.15 25.27 3.40
CA ARG A 94 6.41 24.67 3.77
C ARG A 94 6.90 23.75 2.65
N PRO A 95 8.22 23.67 2.43
CA PRO A 95 8.77 22.81 1.36
C PRO A 95 8.77 21.34 1.75
N ILE A 96 8.95 20.48 0.77
CA ILE A 96 9.15 19.06 1.04
C ILE A 96 10.52 18.86 1.67
N PRO A 97 10.59 18.26 2.87
CA PRO A 97 11.85 17.98 3.50
C PRO A 97 12.67 16.89 2.83
N LEU A 98 13.98 17.06 2.83
CA LEU A 98 14.91 16.06 2.28
C LEU A 98 15.96 15.80 3.36
N ARG A 99 15.96 14.59 3.91
CA ARG A 99 16.92 14.21 4.91
C ARG A 99 18.05 13.44 4.22
N GLU A 100 19.28 13.92 4.41
CA GLU A 100 20.46 13.22 3.92
C GLU A 100 21.00 12.27 5.01
N VAL A 101 21.30 11.05 4.57
CA VAL A 101 22.01 10.07 5.35
C VAL A 101 23.35 9.84 4.64
N ARG A 102 24.42 10.12 5.38
CA ARG A 102 25.77 10.28 4.86
C ARG A 102 26.49 8.99 5.24
N GLY A 103 26.30 7.98 4.40
CA GLY A 103 26.97 6.71 4.57
C GLY A 103 25.94 5.62 4.82
N GLY A 104 26.37 4.39 4.63
CA GLY A 104 25.51 3.27 4.95
C GLY A 104 25.86 2.04 4.13
N GLY A 105 25.62 0.90 4.72
CA GLY A 105 25.77 -0.35 4.01
C GLY A 105 24.56 -0.65 3.15
N GLU A 106 24.56 -1.87 2.59
N GLU A 106 24.58 -1.87 2.60
CA GLU A 106 23.56 -2.31 1.64
CA GLU A 106 23.59 -2.37 1.65
C GLU A 106 22.17 -2.32 2.24
C GLU A 106 22.18 -2.30 2.24
N GLU A 107 22.04 -2.48 3.57
CA GLU A 107 20.74 -2.52 4.22
C GLU A 107 20.40 -1.26 5.01
N GLN A 108 21.13 -0.16 4.78
CA GLN A 108 20.82 1.07 5.47
C GLN A 108 19.39 1.53 5.16
N TRP A 109 18.92 1.35 3.93
CA TRP A 109 17.55 1.71 3.59
C TRP A 109 16.53 1.02 4.50
N LEU A 110 16.78 -0.25 4.82
CA LEU A 110 15.91 -1.00 5.72
C LEU A 110 15.93 -0.43 7.13
N ARG A 111 17.13 -0.07 7.57
CA ARG A 111 17.28 0.53 8.91
C ARG A 111 16.52 1.88 8.95
N GLU A 112 16.62 2.70 7.90
CA GLU A 112 15.92 4.00 7.95
C GLU A 112 14.41 3.76 8.02
N ILE A 113 13.94 2.76 7.31
CA ILE A 113 12.47 2.51 7.27
C ILE A 113 12.03 1.97 8.65
N ASN A 114 12.76 0.98 9.14
CA ASN A 114 12.31 0.35 10.37
C ASN A 114 12.46 1.27 11.58
N GLU A 115 13.53 2.06 11.64
CA GLU A 115 13.84 2.83 12.83
C GLU A 115 13.26 4.24 12.81
N ARG A 116 12.94 4.79 11.63
CA ARG A 116 12.51 6.17 11.54
C ARG A 116 11.28 6.39 10.67
N GLU A 117 11.19 5.77 9.49
CA GLU A 117 10.18 6.27 8.56
C GLU A 117 8.82 5.60 8.77
N LEU A 118 8.80 4.29 9.02
CA LEU A 118 7.54 3.63 9.40
C LEU A 118 6.97 4.13 10.74
N PRO A 119 7.75 4.30 11.80
CA PRO A 119 7.14 4.64 13.09
C PRO A 119 6.83 6.12 13.37
N GLU A 120 7.44 7.03 12.62
CA GLU A 120 7.27 8.45 12.87
C GLU A 120 6.16 9.02 11.99
N ARG A 121 5.14 9.56 12.62
CA ARG A 121 4.06 10.25 11.92
C ARG A 121 4.63 11.48 11.19
N ILE A 122 4.06 11.77 10.03
CA ILE A 122 4.25 13.04 9.38
C ILE A 122 3.13 13.97 9.85
N ASP A 123 3.53 15.05 10.51
CA ASP A 123 2.57 15.97 11.10
C ASP A 123 1.78 16.66 10.00
N PRO A 124 0.47 16.36 9.82
CA PRO A 124 -0.29 16.94 8.71
C PRO A 124 -0.81 18.34 9.02
N ASP A 125 -0.67 18.77 10.27
CA ASP A 125 -1.12 20.09 10.66
C ASP A 125 -0.16 21.17 10.15
N SER A 126 1.15 20.91 10.27
CA SER A 126 2.15 21.81 9.70
C SER A 126 2.36 21.50 8.22
N GLY A 127 2.44 20.21 7.87
CA GLY A 127 2.64 19.78 6.51
C GLY A 127 4.03 20.14 6.02
N PRO A 128 4.34 19.77 4.78
CA PRO A 128 3.43 19.04 3.91
C PRO A 128 3.38 17.56 4.27
N LEU A 129 2.49 16.84 3.58
CA LEU A 129 2.25 15.44 3.89
C LEU A 129 3.17 14.57 3.03
N ILE A 130 4.46 14.80 3.26
CA ILE A 130 5.49 14.03 2.51
C ILE A 130 6.85 14.33 3.15
N ARG A 131 7.72 13.33 3.19
CA ARG A 131 9.11 13.54 3.65
C ARG A 131 10.01 12.58 2.84
N THR A 132 11.17 13.04 2.37
CA THR A 132 12.04 12.23 1.54
C THR A 132 13.39 12.06 2.23
N VAL A 133 14.07 10.98 1.84
CA VAL A 133 15.39 10.64 2.33
C VAL A 133 16.29 10.30 1.15
N ALA A 134 17.56 10.73 1.22
CA ALA A 134 18.59 10.33 0.29
C ALA A 134 19.77 9.76 1.05
N ILE A 135 19.97 8.45 0.89
CA ILE A 135 21.06 7.71 1.52
C ILE A 135 22.20 7.63 0.51
N ALA A 136 23.35 8.23 0.85
CA ALA A 136 24.55 8.09 0.07
C ALA A 136 25.30 6.86 0.59
N THR A 137 25.16 5.75 -0.12
CA THR A 137 25.69 4.48 0.38
C THR A 137 27.22 4.45 0.29
N ASP A 138 27.84 3.61 1.11
CA ASP A 138 29.28 3.43 1.10
C ASP A 138 29.74 2.88 -0.26
N ALA A 139 28.86 2.20 -1.00
CA ALA A 139 29.22 1.64 -2.30
C ALA A 139 29.12 2.67 -3.42
N GLY A 140 28.70 3.89 -3.10
CA GLY A 140 28.75 4.97 -4.07
C GLY A 140 27.44 5.16 -4.83
N ALA A 141 26.36 4.49 -4.43
CA ALA A 141 25.04 4.72 -4.98
C ALA A 141 24.20 5.59 -4.04
N HIS A 142 22.98 5.87 -4.44
CA HIS A 142 22.02 6.52 -3.55
C HIS A 142 20.76 5.68 -3.46
N ASP A 143 20.27 5.50 -2.24
CA ASP A 143 18.93 4.96 -2.03
C ASP A 143 18.01 6.12 -1.64
N LEU A 144 16.95 6.34 -2.45
CA LEU A 144 15.99 7.39 -2.20
C LEU A 144 14.72 6.77 -1.60
N LEU A 145 14.16 7.43 -0.57
CA LEU A 145 12.88 7.06 -0.01
C LEU A 145 11.91 8.23 -0.19
N VAL A 146 10.68 7.88 -0.57
CA VAL A 146 9.54 8.78 -0.57
C VAL A 146 8.51 8.23 0.44
N VAL A 147 8.16 9.08 1.41
CA VAL A 147 7.32 8.67 2.55
C VAL A 147 6.10 9.61 2.58
N VAL A 148 4.93 9.02 2.38
CA VAL A 148 3.68 9.78 2.26
C VAL A 148 2.61 9.06 3.10
N PRO A 149 1.88 9.79 3.96
CA PRO A 149 0.78 9.12 4.67
C PRO A 149 -0.26 8.59 3.69
N HIS A 150 -0.89 7.46 4.07
CA HIS A 150 -1.83 6.75 3.22
C HIS A 150 -3.07 7.59 2.85
N ILE A 151 -3.39 8.62 3.64
CA ILE A 151 -4.48 9.54 3.36
C ILE A 151 -4.37 10.09 1.93
N ILE A 152 -3.12 10.29 1.44
CA ILE A 152 -2.96 10.82 0.07
C ILE A 152 -2.04 9.94 -0.78
N ALA A 153 -1.84 8.69 -0.43
CA ALA A 153 -0.98 7.85 -1.25
C ALA A 153 -1.31 6.37 -1.13
N ASP A 154 -1.25 5.69 -2.27
CA ASP A 154 -1.13 4.25 -2.38
C ASP A 154 0.23 3.90 -3.00
N GLY A 155 0.47 2.63 -3.33
CA GLY A 155 1.77 2.21 -3.82
C GLY A 155 2.10 2.86 -5.16
N THR A 156 1.09 3.00 -6.02
CA THR A 156 1.31 3.69 -7.30
C THR A 156 1.74 5.13 -7.02
N THR A 157 1.08 5.81 -6.07
CA THR A 157 1.42 7.19 -5.77
C THR A 157 2.88 7.33 -5.32
N VAL A 158 3.35 6.52 -4.39
CA VAL A 158 4.71 6.72 -3.89
C VAL A 158 5.73 6.38 -4.97
N LEU A 159 5.44 5.41 -5.86
CA LEU A 159 6.39 5.09 -6.93
C LEU A 159 6.35 6.15 -8.01
N THR A 160 5.17 6.68 -8.39
CA THR A 160 5.19 7.70 -9.43
C THR A 160 5.87 8.96 -8.90
N LEU A 161 5.75 9.25 -7.60
CA LEU A 161 6.41 10.42 -7.04
C LEU A 161 7.94 10.25 -7.08
N ALA A 162 8.46 9.08 -6.79
CA ALA A 162 9.88 8.79 -6.86
C ALA A 162 10.33 8.98 -8.31
N GLU A 163 9.58 8.40 -9.25
CA GLU A 163 9.94 8.53 -10.66
C GLU A 163 9.96 10.01 -11.11
N GLN A 164 8.91 10.74 -10.78
CA GLN A 164 8.76 12.14 -11.13
C GLN A 164 9.85 12.99 -10.50
N TRP A 165 10.15 12.75 -9.23
CA TRP A 165 11.24 13.44 -8.55
C TRP A 165 12.55 13.31 -9.34
N LEU A 166 12.92 12.07 -9.69
CA LEU A 166 14.16 11.82 -10.41
C LEU A 166 14.12 12.46 -11.78
N THR A 167 12.97 12.40 -12.47
CA THR A 167 12.86 12.97 -13.80
C THR A 167 13.08 14.48 -13.73
N LEU A 168 12.45 15.15 -12.76
CA LEU A 168 12.59 16.58 -12.54
C LEU A 168 14.01 16.97 -12.13
N ALA A 169 14.68 16.10 -11.37
CA ALA A 169 16.04 16.32 -10.94
C ALA A 169 17.05 16.14 -12.07
N ALA A 170 16.84 15.12 -12.93
CA ALA A 170 17.93 14.60 -13.77
C ALA A 170 17.66 14.64 -15.27
N ASP A 171 16.43 14.93 -15.68
CA ASP A 171 16.10 14.90 -17.10
C ASP A 171 15.70 16.29 -17.58
N PRO A 172 16.69 17.04 -18.13
CA PRO A 172 16.45 18.36 -18.72
C PRO A 172 15.41 18.39 -19.84
N ALA A 173 15.30 17.28 -20.59
CA ALA A 173 14.43 17.22 -21.76
C ALA A 173 12.98 16.97 -21.37
N ALA A 174 12.69 16.67 -20.11
CA ALA A 174 11.35 16.19 -19.80
C ALA A 174 10.34 17.34 -19.81
N GLN A 175 9.19 17.08 -20.43
CA GLN A 175 8.07 18.01 -20.58
C GLN A 175 7.50 18.45 -19.22
N PRO A 176 7.46 19.77 -18.89
CA PRO A 176 6.87 20.24 -17.65
C PRO A 176 5.35 20.11 -17.67
N TRP A 177 4.76 19.91 -16.49
CA TRP A 177 3.31 19.94 -16.35
C TRP A 177 2.98 20.13 -14.87
N THR A 178 1.80 20.69 -14.64
CA THR A 178 1.23 20.76 -13.30
C THR A 178 -0.12 20.02 -13.31
N ALA A 179 -0.52 19.56 -12.13
CA ALA A 179 -1.67 18.68 -11.97
C ALA A 179 -2.86 19.49 -11.46
N SER A 180 -4.07 18.99 -11.72
CA SER A 180 -5.29 19.59 -11.21
C SER A 180 -5.54 19.21 -9.76
N ALA A 181 -6.28 20.07 -9.06
CA ALA A 181 -6.87 19.71 -7.76
C ALA A 181 -8.11 18.87 -8.02
N LEU A 182 -8.11 17.64 -7.51
CA LEU A 182 -9.20 16.73 -7.80
C LEU A 182 -10.19 16.71 -6.63
N PRO A 183 -11.45 16.35 -6.91
CA PRO A 183 -12.35 15.94 -5.85
C PRO A 183 -11.74 14.76 -5.11
N PRO A 184 -12.16 14.50 -3.85
CA PRO A 184 -11.80 13.25 -3.20
C PRO A 184 -12.32 12.04 -3.96
N ALA A 185 -11.61 10.92 -3.80
CA ALA A 185 -11.90 9.68 -4.51
C ALA A 185 -13.38 9.30 -4.40
N GLU A 186 -13.97 9.32 -3.20
CA GLU A 186 -15.34 8.87 -3.03
C GLU A 186 -16.32 9.67 -3.90
N ASP A 187 -16.01 10.95 -4.15
CA ASP A 187 -16.89 11.81 -4.93
C ASP A 187 -16.81 11.49 -6.41
N LEU A 188 -15.77 10.74 -6.87
CA LEU A 188 -15.58 10.40 -8.27
C LEU A 188 -16.15 9.02 -8.65
N ARG A 189 -16.75 8.38 -7.67
CA ARG A 189 -17.28 7.01 -7.85
C ARG A 189 -18.42 6.97 -8.84
N PRO A 190 -18.56 5.89 -9.62
CA PRO A 190 -19.74 5.72 -10.46
C PRO A 190 -20.98 5.86 -9.60
N ARG A 191 -22.02 6.49 -10.16
CA ARG A 191 -23.26 6.81 -9.40
C ARG A 191 -23.93 5.55 -8.85
N ARG A 192 -23.86 4.46 -9.60
CA ARG A 192 -24.47 3.19 -9.14
C ARG A 192 -23.89 2.77 -7.77
N PHE A 193 -22.73 3.31 -7.39
CA PHE A 193 -22.11 2.94 -6.10
C PHE A 193 -22.28 4.05 -5.07
N THR A 194 -23.28 4.91 -5.25
CA THR A 194 -23.55 5.97 -4.29
C THR A 194 -25.02 5.97 -3.91
N GLY A 195 -25.32 6.72 -2.83
CA GLY A 195 -26.68 6.88 -2.35
C GLY A 195 -27.34 5.55 -2.00
N ASP A 196 -28.67 5.48 -2.23
CA ASP A 196 -29.46 4.32 -1.87
C ASP A 196 -28.97 3.06 -2.62
N GLU A 197 -28.65 3.18 -3.91
CA GLU A 197 -28.20 2.01 -4.67
C GLU A 197 -26.85 1.50 -4.16
N GLY A 198 -25.90 2.42 -3.93
CA GLY A 198 -24.63 2.04 -3.34
C GLY A 198 -24.81 1.32 -2.01
N ALA A 199 -25.75 1.80 -1.19
CA ALA A 199 -26.03 1.17 0.08
C ALA A 199 -26.60 -0.24 -0.15
N ALA A 200 -27.39 -0.42 -1.23
CA ALA A 200 -27.97 -1.74 -1.49
C ALA A 200 -26.89 -2.74 -1.93
N ARG A 201 -25.94 -2.24 -2.75
CA ARG A 201 -24.84 -3.02 -3.25
C ARG A 201 -24.00 -3.52 -2.08
N LEU A 202 -23.76 -2.62 -1.11
CA LEU A 202 -22.95 -2.96 0.06
C LEU A 202 -23.68 -4.00 0.90
N ALA A 203 -25.00 -3.84 1.06
CA ALA A 203 -25.78 -4.78 1.83
C ALA A 203 -25.68 -6.18 1.21
N GLU A 204 -25.77 -6.28 -0.11
CA GLU A 204 -25.73 -7.60 -0.78
C GLU A 204 -24.36 -8.26 -0.54
N GLN A 205 -23.27 -7.52 -0.75
CA GLN A 205 -21.96 -8.10 -0.53
C GLN A 205 -21.81 -8.53 0.92
N THR A 206 -22.30 -7.70 1.84
CA THR A 206 -22.10 -7.97 3.26
C THR A 206 -22.78 -9.29 3.66
N ALA A 207 -24.03 -9.52 3.20
CA ALA A 207 -24.73 -10.75 3.55
C ALA A 207 -24.02 -11.97 2.97
N GLN A 208 -23.57 -11.88 1.72
CA GLN A 208 -22.83 -12.94 1.06
C GLN A 208 -21.53 -13.26 1.81
N ASP A 209 -20.77 -12.24 2.24
CA ASP A 209 -19.51 -12.46 2.92
C ASP A 209 -19.74 -13.08 4.30
N GLU A 210 -20.79 -12.65 5.02
CA GLU A 210 -21.14 -13.26 6.30
C GLU A 210 -21.47 -14.75 6.10
N ALA A 211 -22.19 -15.05 5.00
CA ALA A 211 -22.53 -16.43 4.66
C ALA A 211 -21.27 -17.26 4.42
N LEU A 212 -20.30 -16.72 3.67
CA LEU A 212 -19.05 -17.43 3.43
C LEU A 212 -18.28 -17.71 4.74
N VAL A 213 -18.30 -16.76 5.66
CA VAL A 213 -17.65 -16.95 6.95
C VAL A 213 -18.33 -18.09 7.70
N GLY A 214 -19.67 -18.09 7.72
CA GLY A 214 -20.39 -19.14 8.42
C GLY A 214 -20.22 -20.52 7.77
N ARG A 215 -20.10 -20.54 6.43
CA ARG A 215 -19.95 -21.77 5.68
C ARG A 215 -18.54 -22.37 5.85
N HIS A 216 -17.52 -21.50 5.80
CA HIS A 216 -16.16 -21.98 5.64
C HIS A 216 -15.25 -21.76 6.86
N ARG A 217 -15.69 -20.90 7.77
CA ARG A 217 -14.96 -20.65 9.03
C ARG A 217 -13.51 -20.24 8.78
N PRO A 218 -13.25 -19.21 7.95
CA PRO A 218 -11.86 -18.90 7.62
C PRO A 218 -11.08 -18.34 8.81
N GLY A 219 -9.79 -18.65 8.86
CA GLY A 219 -8.93 -18.03 9.84
C GLY A 219 -8.48 -16.64 9.37
N ARG A 220 -8.07 -15.84 10.35
CA ARG A 220 -7.47 -14.53 10.17
C ARG A 220 -6.15 -14.54 10.94
N ILE A 221 -5.32 -13.51 10.74
CA ILE A 221 -4.14 -13.36 11.58
C ILE A 221 -4.62 -12.95 12.96
N GLU A 222 -4.21 -13.73 13.97
CA GLU A 222 -4.57 -13.48 15.37
C GLU A 222 -3.30 -13.04 16.09
N PRO A 223 -3.34 -11.95 16.90
CA PRO A 223 -2.14 -11.48 17.61
C PRO A 223 -1.57 -12.46 18.62
N SER A 224 -0.25 -12.52 18.67
CA SER A 224 0.48 -13.31 19.65
C SER A 224 0.35 -12.70 21.05
N ASN A 225 0.28 -11.37 21.07
CA ASN A 225 0.20 -10.58 22.28
C ASN A 225 -0.73 -9.41 21.98
N PRO A 226 -1.51 -8.96 22.96
CA PRO A 226 -2.40 -7.82 22.75
C PRO A 226 -1.57 -6.54 22.68
N VAL A 227 -1.83 -5.70 21.69
CA VAL A 227 -1.18 -4.41 21.61
C VAL A 227 -2.28 -3.37 21.47
N PRO A 228 -2.35 -2.37 22.37
CA PRO A 228 -3.37 -1.32 22.25
C PRO A 228 -3.11 -0.50 20.99
N LEU A 229 -4.16 0.18 20.52
CA LEU A 229 -4.09 0.95 19.27
C LEU A 229 -2.91 1.92 19.23
N GLU A 230 -2.60 2.60 20.33
CA GLU A 230 -1.60 3.67 20.33
C GLU A 230 -0.16 3.14 20.33
N ALA A 231 -0.02 1.83 20.57
CA ALA A 231 1.28 1.22 20.69
C ALA A 231 1.67 0.48 19.41
N ARG A 232 0.74 0.37 18.47
CA ARG A 232 0.98 -0.35 17.22
C ARG A 232 2.13 0.31 16.45
N ARG A 233 3.07 -0.53 16.04
CA ARG A 233 4.21 -0.11 15.26
C ARG A 233 4.40 -1.10 14.12
N THR A 234 4.56 -0.59 12.90
CA THR A 234 4.83 -1.43 11.74
C THR A 234 6.34 -1.57 11.49
N ARG A 235 6.76 -2.80 11.19
CA ARG A 235 8.11 -3.11 10.75
C ARG A 235 8.07 -3.86 9.41
N LEU A 236 9.24 -3.95 8.77
CA LEU A 236 9.39 -4.46 7.41
C LEU A 236 10.41 -5.59 7.33
N LEU A 237 10.04 -6.65 6.59
CA LEU A 237 10.96 -7.69 6.11
C LEU A 237 10.90 -7.69 4.60
N HIS A 238 12.08 -7.63 3.99
CA HIS A 238 12.16 -7.54 2.55
C HIS A 238 12.51 -8.91 1.95
N ARG A 239 11.82 -9.23 0.84
CA ARG A 239 12.14 -10.38 0.00
C ARG A 239 12.03 -9.95 -1.47
N GLU A 240 12.56 -10.79 -2.36
CA GLU A 240 12.48 -10.52 -3.79
C GLU A 240 12.71 -11.81 -4.59
N LEU A 241 12.28 -11.78 -5.86
CA LEU A 241 12.55 -12.81 -6.87
C LEU A 241 13.38 -12.15 -7.95
N ASP A 242 14.24 -12.95 -8.58
CA ASP A 242 15.01 -12.43 -9.72
C ASP A 242 14.18 -12.57 -10.99
N GLY A 243 14.73 -12.10 -12.10
CA GLY A 243 14.01 -12.08 -13.35
C GLY A 243 13.68 -13.48 -13.85
N ALA A 244 14.60 -14.42 -13.65
CA ALA A 244 14.39 -15.79 -14.13
C ALA A 244 13.29 -16.47 -13.32
N GLN A 245 13.29 -16.24 -12.00
CA GLN A 245 12.24 -16.79 -11.17
C GLN A 245 10.88 -16.19 -11.54
N LEU A 246 10.85 -14.86 -11.75
CA LEU A 246 9.61 -14.21 -12.18
C LEU A 246 9.12 -14.77 -13.52
N GLU A 247 10.02 -14.90 -14.49
CA GLU A 247 9.61 -15.41 -15.78
C GLU A 247 8.96 -16.80 -15.64
N GLN A 248 9.57 -17.66 -14.83
CA GLN A 248 9.05 -19.04 -14.68
C GLN A 248 7.70 -18.99 -13.93
N LEU A 249 7.61 -18.10 -12.95
CA LEU A 249 6.35 -17.95 -12.24
C LEU A 249 5.24 -17.53 -13.21
N GLN A 250 5.52 -16.53 -14.04
CA GLN A 250 4.52 -16.05 -14.96
C GLN A 250 4.10 -17.19 -15.91
N ARG A 251 5.07 -17.96 -16.40
CA ARG A 251 4.77 -19.05 -17.31
C ARG A 251 3.86 -20.08 -16.63
N ARG A 252 4.24 -20.50 -15.43
CA ARG A 252 3.47 -21.53 -14.74
C ARG A 252 2.07 -21.00 -14.38
N ALA A 253 1.99 -19.72 -14.00
CA ALA A 253 0.70 -19.14 -13.65
C ALA A 253 -0.24 -19.20 -14.85
N ARG A 254 0.24 -18.78 -16.02
CA ARG A 254 -0.69 -18.78 -17.14
C ARG A 254 -1.02 -20.22 -17.56
N GLU A 255 -0.10 -21.17 -17.41
CA GLU A 255 -0.37 -22.56 -17.74
C GLU A 255 -1.46 -23.12 -16.83
N HIS A 256 -1.59 -22.58 -15.61
CA HIS A 256 -2.62 -23.01 -14.67
C HIS A 256 -3.82 -22.05 -14.60
N GLY A 257 -3.97 -21.18 -15.61
CA GLY A 257 -5.15 -20.36 -15.70
C GLY A 257 -5.23 -19.27 -14.62
N THR A 258 -4.08 -18.80 -14.14
CA THR A 258 -4.05 -17.78 -13.12
C THR A 258 -2.93 -16.81 -13.42
N THR A 259 -2.60 -16.02 -12.41
CA THR A 259 -1.67 -14.91 -12.58
C THR A 259 -0.63 -14.92 -11.46
N VAL A 260 0.37 -14.06 -11.58
CA VAL A 260 1.33 -13.82 -10.53
C VAL A 260 0.60 -13.43 -9.26
N HIS A 261 -0.42 -12.58 -9.35
CA HIS A 261 -1.15 -12.18 -8.14
C HIS A 261 -1.76 -13.41 -7.48
N GLY A 262 -2.32 -14.30 -8.28
CA GLY A 262 -2.90 -15.50 -7.67
C GLY A 262 -1.86 -16.30 -6.89
N ALA A 263 -0.68 -16.48 -7.50
CA ALA A 263 0.40 -17.26 -6.91
C ALA A 263 0.85 -16.63 -5.59
N LEU A 264 1.10 -15.33 -5.61
CA LEU A 264 1.68 -14.67 -4.44
C LEU A 264 0.66 -14.65 -3.31
N THR A 265 -0.59 -14.49 -3.68
CA THR A 265 -1.65 -14.36 -2.70
C THR A 265 -1.93 -15.75 -2.10
N ALA A 266 -2.02 -16.76 -2.95
CA ALA A 266 -2.12 -18.14 -2.47
C ALA A 266 -0.99 -18.46 -1.49
N ALA A 267 0.23 -18.11 -1.86
CA ALA A 267 1.38 -18.42 -1.02
C ALA A 267 1.21 -17.80 0.38
N LEU A 268 0.77 -16.55 0.42
CA LEU A 268 0.60 -15.85 1.70
C LEU A 268 -0.53 -16.51 2.50
N ALA A 269 -1.66 -16.83 1.86
CA ALA A 269 -2.76 -17.47 2.58
C ALA A 269 -2.32 -18.82 3.15
N ILE A 270 -1.56 -19.57 2.36
CA ILE A 270 -1.07 -20.87 2.77
C ILE A 270 -0.15 -20.72 3.98
N ALA A 271 0.74 -19.73 3.92
CA ALA A 271 1.65 -19.41 5.02
C ALA A 271 0.85 -19.04 6.28
N ALA A 272 -0.21 -18.25 6.13
CA ALA A 272 -1.02 -17.85 7.27
C ALA A 272 -1.70 -19.08 7.85
N GLY A 273 -2.14 -20.00 6.98
CA GLY A 273 -2.76 -21.23 7.48
C GLY A 273 -1.81 -22.07 8.34
N HIS A 274 -0.57 -22.21 7.87
CA HIS A 274 0.44 -22.99 8.58
C HIS A 274 0.77 -22.36 9.94
N ASP A 275 0.70 -21.03 10.02
CA ASP A 275 1.06 -20.27 11.21
C ASP A 275 -0.09 -20.25 12.22
N HIS A 276 -1.32 -20.49 11.75
CA HIS A 276 -2.52 -20.32 12.56
C HIS A 276 -2.58 -21.41 13.63
N GLN A 277 -2.92 -21.02 14.87
CA GLN A 277 -2.97 -21.95 16.00
C GLN A 277 -3.94 -23.11 15.76
N ARG A 278 -5.00 -22.88 14.97
CA ARG A 278 -6.07 -23.86 14.81
C ARG A 278 -6.05 -24.52 13.43
N ARG A 279 -4.99 -24.29 12.66
CA ARG A 279 -4.84 -24.96 11.38
C ARG A 279 -6.17 -25.08 10.61
N PRO A 280 -6.81 -23.93 10.27
CA PRO A 280 -8.05 -23.94 9.48
C PRO A 280 -7.80 -24.32 8.02
N SER A 281 -8.87 -24.77 7.34
CA SER A 281 -8.80 -25.13 5.93
C SER A 281 -8.98 -23.92 5.02
N HIS A 282 -9.51 -22.83 5.59
CA HIS A 282 -9.81 -21.61 4.83
C HIS A 282 -9.16 -20.43 5.54
N ILE A 283 -8.71 -19.46 4.73
CA ILE A 283 -8.09 -18.24 5.22
C ILE A 283 -8.77 -17.07 4.51
N ALA A 284 -9.07 -16.01 5.28
CA ALA A 284 -9.60 -14.78 4.71
C ALA A 284 -8.41 -13.90 4.35
N ILE A 285 -8.35 -13.43 3.09
CA ILE A 285 -7.21 -12.63 2.65
C ILE A 285 -7.73 -11.49 1.77
N GLY A 286 -7.24 -10.28 2.02
CA GLY A 286 -7.64 -9.08 1.30
C GLY A 286 -6.67 -8.76 0.17
N SER A 287 -7.23 -8.24 -0.92
CA SER A 287 -6.47 -7.72 -2.06
C SER A 287 -6.92 -6.29 -2.34
N PRO A 288 -6.08 -5.26 -2.03
CA PRO A 288 -6.33 -3.89 -2.48
C PRO A 288 -6.40 -3.79 -3.99
N ILE A 289 -7.51 -3.26 -4.48
CA ILE A 289 -7.81 -3.09 -5.90
C ILE A 289 -7.69 -1.62 -6.23
N ASP A 290 -6.86 -1.33 -7.26
CA ASP A 290 -6.74 0.00 -7.82
C ASP A 290 -7.97 0.32 -8.65
N PHE A 291 -8.61 1.44 -8.32
CA PHE A 291 -9.84 1.84 -9.05
C PHE A 291 -9.69 3.18 -9.78
N ARG A 292 -8.44 3.65 -9.94
CA ARG A 292 -8.22 4.90 -10.66
C ARG A 292 -9.00 4.96 -11.98
N ASP A 293 -8.98 3.85 -12.74
CA ASP A 293 -9.46 3.83 -14.10
C ASP A 293 -10.99 3.80 -14.13
N GLU A 294 -11.61 3.49 -12.97
CA GLU A 294 -13.07 3.35 -12.91
C GLU A 294 -13.74 4.61 -12.39
N LEU A 295 -12.95 5.62 -11.99
CA LEU A 295 -13.52 6.87 -11.48
C LEU A 295 -13.97 7.72 -12.66
N GLU A 296 -14.90 8.66 -12.39
CA GLU A 296 -15.50 9.50 -13.43
C GLU A 296 -15.25 10.96 -13.06
N PRO A 297 -14.32 11.68 -13.74
CA PRO A 297 -13.46 11.08 -14.75
C PRO A 297 -12.31 10.26 -14.13
N PRO A 298 -11.65 9.41 -14.93
CA PRO A 298 -10.58 8.56 -14.41
C PRO A 298 -9.40 9.39 -13.88
N VAL A 299 -8.75 8.85 -12.86
CA VAL A 299 -7.55 9.43 -12.30
C VAL A 299 -6.36 8.77 -12.98
N ARG A 300 -5.38 9.56 -13.39
CA ARG A 300 -4.23 9.00 -14.06
C ARG A 300 -3.25 8.42 -13.03
N PRO A 301 -2.43 7.44 -13.45
CA PRO A 301 -1.43 6.84 -12.55
C PRO A 301 -0.27 7.74 -12.12
N ASP A 302 -0.26 9.00 -12.57
CA ASP A 302 0.78 9.95 -12.19
C ASP A 302 0.26 11.04 -11.26
N GLU A 303 -0.98 10.88 -10.74
CA GLU A 303 -1.61 11.87 -9.86
C GLU A 303 -1.57 11.36 -8.41
N VAL A 304 -1.52 12.33 -7.48
CA VAL A 304 -1.44 12.05 -6.06
C VAL A 304 -2.82 11.72 -5.51
N GLY A 305 -2.79 10.90 -4.46
CA GLY A 305 -3.96 10.47 -3.71
C GLY A 305 -3.94 8.96 -3.48
N THR A 306 -4.98 8.46 -2.81
CA THR A 306 -5.13 7.03 -2.55
C THR A 306 -6.37 6.55 -3.30
N TYR A 307 -6.20 5.50 -4.09
CA TYR A 307 -7.25 5.03 -4.98
C TYR A 307 -7.31 3.50 -4.97
N VAL A 308 -7.24 2.89 -3.79
CA VAL A 308 -7.32 1.44 -3.64
C VAL A 308 -8.34 1.15 -2.55
N ALA A 309 -8.98 -0.01 -2.72
CA ALA A 309 -9.88 -0.54 -1.72
C ALA A 309 -9.69 -2.06 -1.66
N THR A 310 -9.61 -2.59 -0.45
CA THR A 310 -9.40 -4.00 -0.19
C THR A 310 -10.66 -4.82 -0.41
N VAL A 311 -10.51 -5.86 -1.25
CA VAL A 311 -11.54 -6.84 -1.52
C VAL A 311 -11.14 -8.16 -0.85
N PRO A 312 -12.00 -8.70 0.03
CA PRO A 312 -11.73 -9.99 0.68
C PRO A 312 -12.09 -11.19 -0.19
N VAL A 313 -11.32 -12.26 -0.01
CA VAL A 313 -11.63 -13.57 -0.53
C VAL A 313 -11.48 -14.58 0.62
N VAL A 314 -12.46 -15.47 0.71
CA VAL A 314 -12.41 -16.59 1.61
C VAL A 314 -11.88 -17.78 0.81
N LEU A 315 -10.62 -18.11 1.08
CA LEU A 315 -9.86 -18.98 0.23
C LEU A 315 -9.64 -20.34 0.89
N ASP A 316 -10.01 -21.40 0.17
CA ASP A 316 -9.72 -22.77 0.57
C ASP A 316 -8.24 -23.04 0.28
N ILE A 317 -7.43 -23.18 1.33
CA ILE A 317 -6.01 -23.42 1.22
C ILE A 317 -5.65 -24.89 1.33
N ALA A 318 -6.63 -25.78 1.50
CA ALA A 318 -6.37 -27.22 1.66
C ALA A 318 -6.54 -27.92 0.32
N ARG A 319 -5.90 -27.38 -0.71
CA ARG A 319 -6.01 -27.86 -2.06
C ARG A 319 -4.62 -27.70 -2.65
N PRO A 320 -4.36 -28.32 -3.82
CA PRO A 320 -3.10 -28.06 -4.54
C PRO A 320 -2.89 -26.57 -4.81
N PHE A 321 -1.62 -26.16 -4.69
CA PHE A 321 -1.26 -24.76 -4.75
C PHE A 321 -1.92 -24.03 -5.92
N TRP A 322 -1.79 -24.57 -7.13
CA TRP A 322 -2.29 -23.86 -8.28
C TRP A 322 -3.81 -23.77 -8.33
N GLU A 323 -4.51 -24.71 -7.67
CA GLU A 323 -5.95 -24.60 -7.53
C GLU A 323 -6.31 -23.44 -6.58
N VAL A 324 -5.51 -23.26 -5.53
CA VAL A 324 -5.72 -22.15 -4.60
C VAL A 324 -5.54 -20.82 -5.35
N ALA A 325 -4.44 -20.72 -6.12
CA ALA A 325 -4.15 -19.51 -6.87
C ALA A 325 -5.27 -19.16 -7.86
N ARG A 326 -5.73 -20.17 -8.63
CA ARG A 326 -6.79 -19.98 -9.61
C ARG A 326 -8.11 -19.65 -8.89
N ALA A 327 -8.36 -20.27 -7.74
CA ALA A 327 -9.57 -19.88 -7.00
C ALA A 327 -9.54 -18.40 -6.61
N LEU A 328 -8.37 -17.94 -6.15
CA LEU A 328 -8.21 -16.52 -5.75
C LEU A 328 -8.49 -15.58 -6.94
N THR A 329 -7.82 -15.81 -8.07
CA THR A 329 -8.02 -14.90 -9.20
C THR A 329 -9.42 -14.98 -9.80
N ASP A 330 -10.04 -16.16 -9.83
CA ASP A 330 -11.41 -16.30 -10.30
C ASP A 330 -12.38 -15.53 -9.40
N ASP A 331 -12.22 -15.68 -8.08
CA ASP A 331 -13.14 -15.00 -7.17
C ASP A 331 -12.92 -13.49 -7.19
N LEU A 332 -11.65 -13.07 -7.20
CA LEU A 332 -11.35 -11.67 -7.16
C LEU A 332 -11.87 -11.00 -8.44
N GLY A 333 -11.75 -11.71 -9.56
CA GLY A 333 -12.22 -11.18 -10.82
C GLY A 333 -13.74 -10.93 -10.81
N GLU A 334 -14.49 -11.87 -10.24
CA GLU A 334 -15.94 -11.71 -10.15
C GLU A 334 -16.29 -10.59 -9.16
N ARG A 335 -15.60 -10.53 -8.02
CA ARG A 335 -15.81 -9.47 -7.06
C ARG A 335 -15.54 -8.09 -7.66
N ARG A 336 -14.49 -7.97 -8.48
CA ARG A 336 -14.19 -6.71 -9.15
C ARG A 336 -15.32 -6.32 -10.11
N ARG A 337 -15.84 -7.30 -10.87
CA ARG A 337 -16.96 -7.03 -11.79
C ARG A 337 -18.20 -6.57 -11.02
N GLN A 338 -18.36 -7.01 -9.76
CA GLN A 338 -19.48 -6.63 -8.92
C GLN A 338 -19.20 -5.36 -8.10
N GLY A 339 -18.00 -4.77 -8.25
CA GLY A 339 -17.65 -3.50 -7.63
C GLY A 339 -17.44 -3.58 -6.12
N HIS A 340 -16.95 -4.73 -5.64
CA HIS A 340 -16.75 -4.91 -4.20
C HIS A 340 -15.77 -3.88 -3.62
N HIS A 341 -14.82 -3.42 -4.44
CA HIS A 341 -13.90 -2.37 -4.02
C HIS A 341 -14.66 -1.07 -3.68
N PHE A 342 -15.64 -0.70 -4.52
CA PHE A 342 -16.44 0.48 -4.26
C PHE A 342 -17.37 0.30 -3.05
N ASN A 343 -17.77 -0.94 -2.77
CA ASN A 343 -18.59 -1.23 -1.60
C ASN A 343 -17.82 -0.91 -0.31
N LEU A 344 -16.52 -1.20 -0.27
CA LEU A 344 -15.73 -0.84 0.89
C LEU A 344 -15.67 0.69 1.05
N VAL A 345 -15.52 1.41 -0.04
CA VAL A 345 -15.53 2.86 0.01
C VAL A 345 -16.87 3.33 0.61
N THR A 346 -17.97 2.72 0.15
CA THR A 346 -19.29 3.06 0.67
C THR A 346 -19.35 2.82 2.19
N LEU A 347 -18.84 1.67 2.63
CA LEU A 347 -18.86 1.36 4.06
C LEU A 347 -18.10 2.41 4.85
N VAL A 348 -16.87 2.69 4.43
CA VAL A 348 -16.05 3.61 5.19
C VAL A 348 -16.65 5.01 5.11
N ALA A 349 -17.14 5.42 3.94
CA ALA A 349 -17.70 6.76 3.82
C ALA A 349 -18.93 6.91 4.72
N SER A 350 -19.60 5.81 5.00
CA SER A 350 -20.85 5.86 5.75
C SER A 350 -20.56 5.80 7.24
N ALA A 351 -19.45 5.15 7.62
CA ALA A 351 -19.23 4.83 9.04
C ALA A 351 -18.02 5.51 9.64
N ALA A 352 -17.20 6.20 8.85
CA ALA A 352 -16.00 6.82 9.38
C ALA A 352 -16.36 7.75 10.54
N PRO A 353 -15.76 7.56 11.73
CA PRO A 353 -16.03 8.42 12.88
C PRO A 353 -15.66 9.89 12.65
N ARG A 354 -16.29 10.80 13.39
CA ARG A 354 -16.10 12.23 13.24
C ARG A 354 -14.80 12.69 13.92
N CYS A 355 -14.34 11.96 14.96
CA CYS A 355 -13.19 12.38 15.75
C CYS A 355 -12.57 11.23 16.54
N MET A 356 -11.41 11.50 17.12
CA MET A 356 -10.62 10.48 17.81
C MET A 356 -11.39 9.94 19.02
N ALA A 357 -12.06 10.83 19.75
CA ALA A 357 -12.80 10.42 20.93
C ALA A 357 -13.85 9.37 20.59
N ASP A 358 -14.42 9.42 19.37
CA ASP A 358 -15.51 8.55 18.99
C ASP A 358 -15.08 7.37 18.12
N ALA A 359 -13.76 7.23 17.86
CA ALA A 359 -13.29 6.37 16.79
C ALA A 359 -13.15 4.90 17.21
N ARG A 360 -13.20 4.56 18.50
CA ARG A 360 -12.77 3.23 18.89
C ARG A 360 -13.72 2.14 18.40
N PRO A 361 -15.06 2.31 18.51
CA PRO A 361 -15.99 1.29 18.01
C PRO A 361 -15.75 0.89 16.56
N PHE A 362 -15.56 1.88 15.68
CA PHE A 362 -15.38 1.55 14.26
C PHE A 362 -14.04 0.84 14.05
N MET A 363 -13.00 1.29 14.74
CA MET A 363 -11.69 0.67 14.57
C MET A 363 -11.78 -0.78 15.06
N ALA A 364 -12.56 -1.04 16.13
CA ALA A 364 -12.63 -2.40 16.65
C ALA A 364 -13.40 -3.30 15.69
N PHE A 365 -14.44 -2.74 15.08
CA PHE A 365 -15.22 -3.47 14.09
C PHE A 365 -14.35 -3.77 12.87
N MET A 366 -13.60 -2.79 12.37
CA MET A 366 -12.79 -3.03 11.17
C MET A 366 -11.68 -4.03 11.49
N GLU A 367 -11.14 -3.96 12.72
CA GLU A 367 -10.14 -4.90 13.18
C GLU A 367 -10.67 -6.33 13.16
N ALA A 368 -11.89 -6.53 13.68
CA ALA A 368 -12.45 -7.88 13.84
C ALA A 368 -13.07 -8.41 12.52
N GLU A 369 -13.54 -7.55 11.63
CA GLU A 369 -14.41 -8.01 10.54
C GLU A 369 -13.94 -7.51 9.16
N GLY A 370 -13.03 -6.53 9.13
CA GLY A 370 -12.66 -5.91 7.86
C GLY A 370 -11.63 -6.73 7.08
N PRO A 371 -11.43 -6.40 5.78
CA PRO A 371 -10.56 -7.20 4.91
C PRO A 371 -9.05 -6.98 5.02
N ILE A 372 -8.60 -5.92 5.73
CA ILE A 372 -7.21 -5.48 5.67
C ILE A 372 -6.31 -6.25 6.67
N ASN A 373 -6.92 -7.10 7.51
CA ASN A 373 -6.23 -7.95 8.49
C ASN A 373 -4.99 -8.66 7.92
N LEU A 374 -5.21 -9.41 6.84
CA LEU A 374 -4.12 -10.03 6.07
C LEU A 374 -4.32 -9.60 4.63
N CYS A 375 -3.30 -8.94 4.04
CA CYS A 375 -3.48 -8.31 2.75
C CYS A 375 -2.32 -8.61 1.83
N SER A 376 -2.69 -8.86 0.57
CA SER A 376 -1.73 -9.03 -0.51
C SER A 376 -1.92 -7.84 -1.48
N SER A 377 -1.04 -6.85 -1.34
CA SER A 377 -1.21 -5.55 -1.95
C SER A 377 -0.25 -5.41 -3.15
N ASN A 378 -0.79 -5.59 -4.35
CA ASN A 378 0.01 -5.85 -5.55
C ASN A 378 -0.36 -4.82 -6.59
N ILE A 379 0.63 -4.01 -7.04
CA ILE A 379 0.35 -3.03 -8.08
C ILE A 379 0.78 -3.54 -9.46
N GLY A 380 1.19 -4.79 -9.59
CA GLY A 380 1.59 -5.32 -10.90
C GLY A 380 2.95 -4.78 -11.31
N ARG A 381 3.11 -4.58 -12.62
CA ARG A 381 4.33 -3.99 -13.10
C ARG A 381 4.27 -2.47 -12.96
N TYR A 382 5.19 -1.94 -12.16
CA TYR A 382 5.31 -0.47 -12.08
C TYR A 382 6.37 -0.10 -13.13
N PRO A 383 6.04 0.84 -14.04
CA PRO A 383 6.92 1.14 -15.18
C PRO A 383 8.06 2.10 -14.85
N PHE A 384 8.89 1.74 -13.87
CA PHE A 384 9.95 2.62 -13.47
C PHE A 384 11.05 2.61 -14.53
N PRO A 385 11.42 3.77 -15.11
CA PRO A 385 12.48 3.75 -16.13
C PRO A 385 13.79 3.17 -15.60
N GLU A 386 14.53 2.48 -16.47
CA GLU A 386 15.87 2.00 -16.19
C GLU A 386 16.88 3.15 -16.24
N ARG A 387 16.60 4.15 -17.08
CA ARG A 387 17.48 5.30 -17.25
C ARG A 387 16.67 6.58 -17.22
N ILE A 388 17.18 7.57 -16.46
CA ILE A 388 16.61 8.92 -16.40
C ILE A 388 17.77 9.88 -16.55
N GLY A 389 17.83 10.60 -17.67
CA GLY A 389 19.03 11.39 -17.95
C GLY A 389 20.27 10.50 -17.93
N ALA A 390 21.31 10.92 -17.18
CA ALA A 390 22.54 10.16 -17.06
C ALA A 390 22.49 9.15 -15.91
N LEU A 391 21.36 9.03 -15.24
CA LEU A 391 21.23 8.10 -14.12
C LEU A 391 20.71 6.75 -14.58
N ARG A 392 21.12 5.67 -13.87
CA ARG A 392 20.58 4.34 -14.06
C ARG A 392 19.88 3.97 -12.75
N LEU A 393 18.73 3.34 -12.88
CA LEU A 393 17.89 3.08 -11.68
C LEU A 393 17.66 1.58 -11.51
N SER A 394 17.51 1.14 -10.25
CA SER A 394 17.21 -0.25 -9.96
C SER A 394 16.40 -0.31 -8.66
N ASP A 395 15.88 -1.51 -8.39
CA ASP A 395 15.29 -1.82 -7.09
C ASP A 395 14.10 -0.92 -6.72
N ALA A 396 13.34 -0.41 -7.67
CA ALA A 396 12.13 0.38 -7.38
C ALA A 396 11.03 -0.49 -6.77
N GLN A 397 10.56 -0.14 -5.55
CA GLN A 397 9.64 -0.99 -4.81
C GLN A 397 8.89 -0.11 -3.81
N PHE A 398 7.92 -0.74 -3.09
CA PHE A 398 7.15 -0.03 -2.08
C PHE A 398 6.82 -0.96 -0.92
N LEU A 399 6.33 -0.34 0.16
CA LEU A 399 5.89 -1.08 1.36
C LEU A 399 4.92 -0.14 2.09
N THR A 400 4.06 -0.67 2.96
CA THR A 400 3.07 0.17 3.63
C THR A 400 3.00 -0.07 5.12
N GLY A 401 2.88 1.04 5.83
CA GLY A 401 2.46 0.96 7.22
C GLY A 401 1.07 0.35 7.32
N ILE A 402 0.77 -0.16 8.51
CA ILE A 402 -0.47 -0.87 8.76
C ILE A 402 -1.35 -0.14 9.76
N SER A 403 -0.73 0.49 10.75
CA SER A 403 -1.51 1.22 11.77
C SER A 403 -2.52 0.28 12.43
N VAL A 404 -3.72 0.79 12.67
CA VAL A 404 -4.72 0.00 13.37
C VAL A 404 -5.52 -0.89 12.40
N ASN A 405 -5.18 -0.92 11.11
CA ASN A 405 -6.12 -1.39 10.09
C ASN A 405 -6.04 -2.90 9.85
N GLY A 406 -4.91 -3.52 10.21
CA GLY A 406 -4.71 -4.96 10.09
C GLY A 406 -3.44 -5.43 10.82
N TYR A 407 -2.90 -6.62 10.47
CA TYR A 407 -1.73 -7.13 11.15
C TYR A 407 -0.58 -7.51 10.23
N PHE A 408 -0.84 -7.90 8.98
CA PHE A 408 0.23 -8.40 8.13
C PHE A 408 -0.09 -8.09 6.68
N VAL A 409 0.85 -7.43 5.99
CA VAL A 409 0.63 -7.01 4.62
C VAL A 409 1.84 -7.38 3.76
N ALA A 410 1.58 -7.90 2.56
CA ALA A 410 2.64 -8.03 1.56
C ALA A 410 2.44 -6.98 0.47
N ALA A 411 3.49 -6.20 0.19
CA ALA A 411 3.47 -5.22 -0.88
C ALA A 411 4.34 -5.68 -2.05
N ILE A 412 3.71 -5.72 -3.22
CA ILE A 412 4.30 -6.37 -4.38
C ILE A 412 4.35 -5.41 -5.57
N ASN A 413 5.49 -5.40 -6.24
CA ASN A 413 5.55 -4.83 -7.58
C ASN A 413 6.66 -5.49 -8.37
N SER A 414 6.51 -5.49 -9.69
CA SER A 414 7.60 -5.89 -10.56
C SER A 414 8.16 -4.63 -11.21
N SER A 415 9.46 -4.43 -11.05
CA SER A 415 10.17 -3.33 -11.69
C SER A 415 11.63 -3.74 -11.80
N HIS A 416 12.35 -3.14 -12.77
CA HIS A 416 13.79 -3.21 -12.78
C HIS A 416 14.28 -4.66 -12.78
N GLY A 417 13.59 -5.53 -13.52
CA GLY A 417 14.07 -6.88 -13.75
C GLY A 417 13.73 -7.88 -12.66
N ARG A 418 13.05 -7.42 -11.61
CA ARG A 418 12.82 -8.28 -10.45
C ARG A 418 11.37 -8.18 -9.98
N LEU A 419 11.00 -9.02 -9.00
CA LEU A 419 9.74 -8.84 -8.32
C LEU A 419 10.04 -8.61 -6.84
N PHE A 420 9.50 -7.53 -6.28
CA PHE A 420 9.75 -7.21 -4.88
C PHE A 420 8.53 -7.57 -4.05
N TRP A 421 8.80 -8.15 -2.86
CA TRP A 421 7.76 -8.72 -1.99
C TRP A 421 8.08 -8.27 -0.57
N ASN A 422 7.49 -7.14 -0.20
CA ASN A 422 7.83 -6.47 1.05
C ASN A 422 6.74 -6.71 2.09
N PHE A 423 7.11 -7.45 3.13
CA PHE A 423 6.20 -7.81 4.22
C PHE A 423 6.28 -6.80 5.35
N THR A 424 5.14 -6.17 5.63
CA THR A 424 5.04 -5.37 6.84
C THR A 424 4.14 -6.05 7.86
N TYR A 425 4.45 -5.78 9.12
CA TYR A 425 3.75 -6.43 10.21
C TYR A 425 3.70 -5.50 11.41
N ILE A 426 2.70 -5.73 12.28
CA ILE A 426 2.59 -5.04 13.56
C ILE A 426 3.40 -5.82 14.59
N ASP A 427 4.42 -5.15 15.12
CA ASP A 427 5.35 -5.78 16.03
C ASP A 427 4.61 -6.19 17.30
N GLU A 428 5.10 -7.27 17.92
CA GLU A 428 4.58 -7.81 19.16
C GLU A 428 3.27 -8.59 18.93
N ALA A 429 2.27 -7.97 18.29
CA ALA A 429 1.16 -8.73 17.73
C ALA A 429 1.68 -9.83 16.81
N VAL A 430 2.63 -9.46 15.95
CA VAL A 430 3.36 -10.43 15.15
C VAL A 430 4.83 -10.28 15.52
N PRO A 431 5.36 -11.10 16.44
CA PRO A 431 6.77 -10.98 16.78
C PRO A 431 7.67 -11.19 15.57
N GLY A 432 8.88 -10.61 15.66
CA GLY A 432 9.84 -10.69 14.56
C GLY A 432 10.06 -12.13 14.12
N GLU A 433 10.19 -13.07 15.06
CA GLU A 433 10.44 -14.47 14.72
C GLU A 433 9.25 -15.06 13.92
N ARG A 434 8.05 -14.60 14.24
CA ARG A 434 6.85 -15.07 13.57
C ARG A 434 6.78 -14.49 12.16
N ALA A 435 7.08 -13.19 12.03
CA ALA A 435 7.10 -12.51 10.76
C ALA A 435 8.07 -13.21 9.82
N GLU A 436 9.25 -13.54 10.38
CA GLU A 436 10.27 -14.22 9.60
C GLU A 436 9.76 -15.59 9.12
N ARG A 437 9.11 -16.36 10.00
CA ARG A 437 8.57 -17.66 9.61
C ARG A 437 7.57 -17.50 8.47
N LEU A 438 6.69 -16.50 8.58
CA LEU A 438 5.67 -16.27 7.58
C LEU A 438 6.36 -15.94 6.25
N ALA A 439 7.32 -15.02 6.30
CA ALA A 439 7.94 -14.64 5.02
C ALA A 439 8.65 -15.82 4.37
N GLU A 440 9.41 -16.59 5.17
CA GLU A 440 10.15 -17.73 4.66
C GLU A 440 9.21 -18.78 4.06
N ASP A 441 8.05 -19.00 4.71
CA ASP A 441 7.06 -19.95 4.23
C ASP A 441 6.42 -19.46 2.92
N CYS A 442 6.17 -18.16 2.84
CA CYS A 442 5.63 -17.62 1.58
C CYS A 442 6.60 -17.93 0.44
N LEU A 443 7.88 -17.66 0.67
CA LEU A 443 8.86 -17.81 -0.40
C LEU A 443 9.06 -19.29 -0.70
N GLY A 444 9.10 -20.14 0.34
CA GLY A 444 9.30 -21.57 0.12
C GLY A 444 8.12 -22.18 -0.65
N THR A 445 6.91 -21.73 -0.27
CA THR A 445 5.69 -22.22 -0.88
C THR A 445 5.68 -21.81 -2.35
N LEU A 446 6.04 -20.55 -2.60
CA LEU A 446 6.02 -20.05 -3.96
C LEU A 446 7.07 -20.78 -4.80
N LEU A 447 8.29 -20.91 -4.24
CA LEU A 447 9.37 -21.52 -5.01
C LEU A 447 9.08 -23.00 -5.30
N SER A 448 8.40 -23.68 -4.39
CA SER A 448 7.98 -25.09 -4.65
C SER A 448 7.00 -25.10 -5.82
N ALA A 449 6.09 -24.12 -5.87
CA ALA A 449 5.13 -24.08 -6.94
C ALA A 449 5.86 -23.83 -8.28
N ILE A 450 6.88 -22.98 -8.28
CA ILE A 450 7.62 -22.62 -9.53
C ILE A 450 8.47 -23.79 -10.00
N HIS A 451 9.04 -24.56 -9.08
CA HIS A 451 10.03 -25.57 -9.43
C HIS A 451 9.48 -26.99 -9.41
N ALA A 452 8.23 -27.19 -8.96
CA ALA A 452 7.62 -28.51 -8.93
C ALA A 452 7.80 -29.17 -10.29
N PRO A 453 8.14 -30.47 -10.36
CA PRO A 453 8.33 -31.13 -11.66
C PRO A 453 6.96 -31.21 -12.32
N GLN A 454 6.92 -30.91 -13.61
CA GLN A 454 5.63 -30.96 -14.36
C GLN A 454 5.44 -32.36 -14.99
C1 GOL B . -2.59 -6.65 -9.30
O1 GOL B . -1.71 -7.53 -9.98
C2 GOL B . -3.70 -7.39 -8.58
O2 GOL B . -4.20 -6.60 -7.51
C3 GOL B . -4.83 -7.81 -9.49
O3 GOL B . -6.03 -8.06 -8.75
C1 GOL C . -6.95 11.69 -1.49
O1 GOL C . -6.33 10.44 -1.20
C2 GOL C . -8.05 11.55 -2.51
O2 GOL C . -9.26 11.16 -1.85
C3 GOL C . -8.29 12.82 -3.29
O3 GOL C . -8.22 12.64 -4.70
#